data_6AX0
#
_entry.id   6AX0
#
_cell.length_a   39.435
_cell.length_b   92.068
_cell.length_c   39.489
_cell.angle_alpha   90.00
_cell.angle_beta   91.79
_cell.angle_gamma   90.00
#
_symmetry.space_group_name_H-M   'P 1 21 1'
#
loop_
_entity.id
_entity.type
_entity.pdbx_description
1 polymer 'Ara h 8 allergen'
2 non-polymer 'SODIUM ION'
3 non-polymer (2R,3R)-2-(3,4-dihydroxyphenyl)-3,4-dihydro-2H-chromene-3,5,7-triol
4 water water
#
_entity_poly.entity_id   1
_entity_poly.type   'polypeptide(L)'
_entity_poly.pdbx_seq_one_letter_code
;MGVFTFEDEITSTVPPAKLYNAMKDADSITPKIIDDVKSVEIVEGNGGPGTIKKLTIVEDGETKFILHKVESIDEANYAY
NYSVVGGVALPPTAEKITFETKLVEGPNGGSIGKLTLKYHTKGDAKPDEEELKKGKAKGEGLFRAIEGYVLANPTQY
;
_entity_poly.pdbx_strand_id   A,B
#
loop_
_chem_comp.id
_chem_comp.type
_chem_comp.name
_chem_comp.formula
28E non-polymer (2R,3R)-2-(3,4-dihydroxyphenyl)-3,4-dihydro-2H-chromene-3,5,7-triol 'C15 H14 O6'
NA non-polymer 'SODIUM ION' 'Na 1'
#
# COMPACT_ATOMS: atom_id res chain seq x y z
N GLY A 2 8.96 -17.63 -30.21
CA GLY A 2 8.63 -18.81 -29.33
C GLY A 2 7.89 -18.33 -28.11
N VAL A 3 6.93 -19.11 -27.60
CA VAL A 3 6.21 -18.66 -26.45
C VAL A 3 6.57 -19.53 -25.27
N PHE A 4 6.70 -18.86 -24.11
CA PHE A 4 7.00 -19.53 -22.86
C PHE A 4 6.03 -18.95 -21.88
N THR A 5 5.27 -19.81 -21.19
CA THR A 5 4.23 -19.32 -20.27
C THR A 5 4.46 -19.85 -18.88
N PHE A 6 4.12 -19.01 -17.89
CA PHE A 6 4.36 -19.32 -16.49
C PHE A 6 3.12 -18.87 -15.69
N GLU A 7 2.80 -19.59 -14.63
CA GLU A 7 1.60 -19.27 -13.85
C GLU A 7 1.88 -19.31 -12.38
N ASP A 8 1.23 -18.38 -11.72
CA ASP A 8 1.48 -18.15 -10.33
C ASP A 8 0.09 -17.88 -9.72
N GLU A 9 0.00 -17.92 -8.39
CA GLU A 9 -1.25 -17.65 -7.71
C GLU A 9 -0.86 -16.83 -6.53
N ILE A 10 -1.80 -15.97 -6.13
CA ILE A 10 -1.63 -15.16 -4.96
C ILE A 10 -3.04 -14.80 -4.41
N THR A 11 -3.11 -14.76 -3.08
CA THR A 11 -4.37 -14.72 -2.36
C THR A 11 -4.51 -13.34 -1.78
N SER A 12 -5.77 -12.97 -1.55
CA SER A 12 -6.07 -11.73 -0.91
C SER A 12 -7.38 -11.89 -0.16
N THR A 13 -7.50 -11.12 0.91
CA THR A 13 -8.73 -10.97 1.68
C THR A 13 -9.70 -9.91 1.06
N VAL A 14 -9.34 -9.32 -0.09
CA VAL A 14 -10.24 -8.40 -0.82
C VAL A 14 -11.15 -9.14 -1.83
N PRO A 15 -12.46 -8.80 -1.87
CA PRO A 15 -13.32 -9.49 -2.87
C PRO A 15 -12.88 -9.15 -4.25
N PRO A 16 -13.05 -10.06 -5.19
CA PRO A 16 -12.60 -9.80 -6.54
C PRO A 16 -13.21 -8.57 -7.22
N ALA A 17 -14.48 -8.27 -6.96
CA ALA A 17 -15.13 -7.08 -7.55
C ALA A 17 -14.30 -5.82 -7.25
N LYS A 18 -14.11 -5.51 -5.98
CA LYS A 18 -13.23 -4.41 -5.54
C LYS A 18 -11.79 -4.44 -6.05
N LEU A 19 -11.08 -5.54 -5.82
CA LEU A 19 -9.77 -5.66 -6.42
C LEU A 19 -9.73 -5.34 -7.93
N TYR A 20 -10.73 -5.77 -8.67
CA TYR A 20 -10.74 -5.58 -10.12
C TYR A 20 -10.94 -4.12 -10.54
N ASN A 21 -11.85 -3.43 -9.87
CA ASN A 21 -12.02 -2.02 -10.12
C ASN A 21 -10.71 -1.26 -9.84
N ALA A 22 -10.08 -1.55 -8.72
CA ALA A 22 -8.73 -0.97 -8.43
C ALA A 22 -7.63 -1.28 -9.51
N MET A 23 -7.65 -2.48 -10.07
CA MET A 23 -6.73 -2.84 -11.10
C MET A 23 -6.86 -2.00 -12.35
N LYS A 24 -8.09 -1.71 -12.72
CA LYS A 24 -8.39 -0.84 -13.86
C LYS A 24 -7.88 0.60 -13.69
N ASP A 25 -7.70 1.02 -12.46
CA ASP A 25 -7.26 2.34 -12.10
C ASP A 25 -5.73 2.36 -11.79
N ALA A 26 -5.01 1.34 -12.27
CA ALA A 26 -3.60 1.18 -12.06
C ALA A 26 -2.76 2.36 -12.49
N ASP A 27 -3.15 2.99 -13.59
CA ASP A 27 -2.42 4.19 -14.05
C ASP A 27 -2.45 5.29 -13.02
N SER A 28 -3.57 5.47 -12.35
CA SER A 28 -3.70 6.46 -11.31
C SER A 28 -3.01 6.03 -9.99
N ILE A 29 -3.23 4.80 -9.57
CA ILE A 29 -2.74 4.30 -8.30
C ILE A 29 -1.21 4.19 -8.22
N THR A 30 -0.59 3.57 -9.22
CA THR A 30 0.82 3.28 -9.12
C THR A 30 1.78 4.43 -8.95
N PRO A 31 1.52 5.57 -9.61
CA PRO A 31 2.37 6.76 -9.39
C PRO A 31 2.24 7.33 -7.99
N LYS A 32 1.08 7.18 -7.40
CA LYS A 32 0.93 7.53 -6.00
C LYS A 32 1.66 6.64 -5.02
N ILE A 33 1.63 5.32 -5.23
CA ILE A 33 2.18 4.38 -4.22
C ILE A 33 3.57 3.80 -4.46
N ILE A 34 4.05 3.73 -5.69
CA ILE A 34 5.39 3.25 -5.94
C ILE A 34 6.22 4.49 -6.23
N ASP A 35 7.16 4.77 -5.34
CA ASP A 35 8.07 5.90 -5.50
C ASP A 35 8.74 5.87 -6.89
N ASP A 36 9.23 4.71 -7.32
CA ASP A 36 9.90 4.59 -8.63
C ASP A 36 9.03 4.88 -9.87
N VAL A 37 7.71 4.91 -9.73
CA VAL A 37 6.84 5.20 -10.87
C VAL A 37 6.51 6.66 -10.90
N LYS A 38 7.00 7.39 -11.90
CA LYS A 38 6.74 8.84 -12.00
C LYS A 38 5.52 9.27 -12.83
N SER A 39 5.22 8.54 -13.89
CA SER A 39 4.10 8.91 -14.76
C SER A 39 3.64 7.75 -15.61
N VAL A 40 2.33 7.69 -15.83
CA VAL A 40 1.68 6.79 -16.79
C VAL A 40 0.78 7.63 -17.69
N GLU A 41 1.04 7.59 -19.00
CA GLU A 41 0.29 8.40 -19.98
C GLU A 41 -0.07 7.67 -21.25
N ILE A 42 -1.26 7.94 -21.78
CA ILE A 42 -1.73 7.29 -23.02
C ILE A 42 -1.09 7.97 -24.23
N VAL A 43 -0.51 7.17 -25.10
CA VAL A 43 0.03 7.64 -26.36
C VAL A 43 -1.00 7.56 -27.48
N GLU A 44 -1.72 6.45 -27.54
CA GLU A 44 -2.68 6.15 -28.59
C GLU A 44 -3.72 5.17 -28.04
N GLY A 45 -4.94 5.21 -28.58
CA GLY A 45 -6.07 4.41 -28.07
C GLY A 45 -6.86 5.15 -27.00
N ASN A 46 -7.94 4.53 -26.51
CA ASN A 46 -8.85 5.16 -25.49
C ASN A 46 -8.64 4.75 -24.02
N GLY A 47 -7.72 3.81 -23.78
CA GLY A 47 -7.55 3.17 -22.45
C GLY A 47 -7.93 1.70 -22.55
N GLY A 48 -8.81 1.40 -23.52
CA GLY A 48 -9.32 0.05 -23.73
C GLY A 48 -8.34 -0.78 -24.51
N PRO A 49 -8.63 -2.08 -24.68
CA PRO A 49 -7.68 -2.98 -25.35
C PRO A 49 -7.21 -2.37 -26.64
N GLY A 50 -5.90 -2.41 -26.84
CA GLY A 50 -5.23 -1.73 -27.97
C GLY A 50 -4.44 -0.48 -27.62
N THR A 51 -4.81 0.15 -26.53
CA THR A 51 -4.14 1.33 -26.05
C THR A 51 -2.65 1.08 -25.71
N ILE A 52 -1.83 2.03 -26.19
CA ILE A 52 -0.40 2.05 -25.93
C ILE A 52 -0.10 3.15 -24.91
N LYS A 53 0.70 2.81 -23.90
CA LYS A 53 1.05 3.73 -22.80
C LYS A 53 2.57 3.83 -22.61
N LYS A 54 3.05 5.01 -22.26
CA LYS A 54 4.44 5.23 -21.93
C LYS A 54 4.54 5.52 -20.42
N LEU A 55 5.60 5.00 -19.81
CA LEU A 55 5.82 5.06 -18.35
C LEU A 55 7.21 5.56 -18.05
N THR A 56 7.31 6.50 -17.14
CA THR A 56 8.58 7.04 -16.70
C THR A 56 8.82 6.44 -15.35
N ILE A 57 9.92 5.74 -15.22
CA ILE A 57 10.29 4.96 -14.06
C ILE A 57 11.73 5.26 -13.73
N VAL A 58 12.10 5.08 -12.46
CA VAL A 58 13.50 5.12 -12.09
C VAL A 58 13.91 3.71 -11.62
N GLU A 59 15.01 3.23 -12.19
CA GLU A 59 15.57 1.95 -11.83
C GLU A 59 16.98 2.21 -11.34
N ASP A 60 17.24 1.90 -10.07
CA ASP A 60 18.55 2.19 -9.41
C ASP A 60 18.98 3.66 -9.56
N GLY A 61 18.06 4.56 -9.24
CA GLY A 61 18.33 6.00 -9.29
C GLY A 61 18.27 6.66 -10.66
N GLU A 62 18.08 5.86 -11.73
CA GLU A 62 18.14 6.36 -13.12
C GLU A 62 16.81 6.36 -13.82
N THR A 63 16.47 7.48 -14.41
CA THR A 63 15.26 7.64 -15.19
C THR A 63 15.24 6.65 -16.35
N LYS A 64 14.08 6.04 -16.59
CA LYS A 64 13.93 5.09 -17.70
C LYS A 64 12.49 5.13 -18.24
N PHE A 65 12.30 4.54 -19.41
CA PHE A 65 11.00 4.47 -20.10
C PHE A 65 10.50 3.07 -20.35
N ILE A 66 9.19 2.88 -20.17
CA ILE A 66 8.57 1.58 -20.40
C ILE A 66 7.34 1.72 -21.31
N LEU A 67 7.21 0.85 -22.29
CA LEU A 67 6.05 0.89 -23.16
C LEU A 67 5.09 -0.25 -22.89
N HIS A 68 3.83 0.09 -22.59
CA HIS A 68 2.78 -0.90 -22.39
C HIS A 68 1.77 -0.91 -23.57
N LYS A 69 1.22 -2.09 -23.86
CA LYS A 69 0.03 -2.26 -24.69
C LYS A 69 -1.11 -2.98 -23.89
N VAL A 70 -2.30 -2.36 -23.84
CA VAL A 70 -3.47 -3.00 -23.17
C VAL A 70 -3.89 -4.12 -24.11
N GLU A 71 -4.05 -5.32 -23.59
CA GLU A 71 -4.31 -6.51 -24.42
C GLU A 71 -5.78 -6.89 -24.42
N SER A 72 -6.35 -7.03 -23.24
CA SER A 72 -7.79 -7.33 -23.06
C SER A 72 -8.23 -6.97 -21.65
N ILE A 73 -9.55 -6.81 -21.50
CA ILE A 73 -10.19 -6.37 -20.25
C ILE A 73 -11.52 -7.08 -20.13
N ASP A 74 -11.48 -8.40 -19.94
CA ASP A 74 -12.70 -9.21 -19.76
C ASP A 74 -13.28 -8.86 -18.39
N GLU A 75 -14.20 -7.91 -18.40
CA GLU A 75 -14.86 -7.43 -17.17
C GLU A 75 -15.70 -8.47 -16.47
N ALA A 76 -16.48 -9.24 -17.22
CA ALA A 76 -17.33 -10.27 -16.60
C ALA A 76 -16.51 -11.35 -15.87
N ASN A 77 -15.28 -11.57 -16.33
CA ASN A 77 -14.39 -12.56 -15.71
C ASN A 77 -13.25 -11.95 -14.88
N TYR A 78 -13.37 -10.66 -14.57
CA TYR A 78 -12.41 -9.98 -13.73
C TYR A 78 -10.93 -10.13 -14.25
N ALA A 79 -10.70 -9.79 -15.53
CA ALA A 79 -9.44 -10.06 -16.19
C ALA A 79 -8.82 -8.78 -16.77
N TYR A 80 -7.56 -8.55 -16.47
CA TYR A 80 -6.86 -7.36 -16.96
C TYR A 80 -5.55 -7.89 -17.49
N ASN A 81 -5.34 -7.76 -18.79
CA ASN A 81 -4.10 -8.20 -19.43
C ASN A 81 -3.39 -7.01 -20.10
N TYR A 82 -2.08 -6.94 -19.93
CA TYR A 82 -1.26 -5.98 -20.65
C TYR A 82 0.08 -6.58 -20.94
N SER A 83 0.81 -5.93 -21.82
CA SER A 83 2.06 -6.42 -22.26
C SER A 83 3.10 -5.30 -22.23
N VAL A 84 4.35 -5.68 -22.02
CA VAL A 84 5.47 -4.75 -22.16
C VAL A 84 6.02 -4.91 -23.61
N VAL A 85 5.96 -3.82 -24.40
CA VAL A 85 6.38 -3.81 -25.79
C VAL A 85 7.59 -2.89 -26.04
N GLY A 86 8.21 -2.34 -24.99
CA GLY A 86 9.38 -1.53 -25.20
C GLY A 86 9.97 -0.94 -23.96
N GLY A 87 11.16 -0.39 -24.11
CA GLY A 87 11.92 0.16 -23.00
C GLY A 87 12.80 -0.82 -22.22
N VAL A 88 13.21 -0.37 -21.05
CA VAL A 88 14.21 -1.05 -20.23
C VAL A 88 13.75 -2.43 -19.83
N ALA A 89 12.48 -2.56 -19.44
CA ALA A 89 11.90 -3.84 -19.05
C ALA A 89 11.45 -4.79 -20.22
N LEU A 90 11.87 -4.52 -21.46
CA LEU A 90 11.81 -5.51 -22.54
C LEU A 90 13.23 -5.94 -22.88
N PRO A 91 13.55 -7.24 -22.69
CA PRO A 91 14.92 -7.65 -22.98
C PRO A 91 15.14 -7.64 -24.48
N PRO A 92 16.40 -7.46 -24.90
CA PRO A 92 16.78 -7.38 -26.32
C PRO A 92 16.40 -8.60 -27.15
N THR A 93 16.25 -9.75 -26.48
CA THR A 93 15.93 -11.01 -27.12
C THR A 93 14.44 -11.30 -27.11
N ALA A 94 13.66 -10.46 -26.45
CA ALA A 94 12.21 -10.67 -26.34
C ALA A 94 11.43 -9.71 -27.22
N GLU A 95 10.41 -10.23 -27.89
CA GLU A 95 9.51 -9.43 -28.70
C GLU A 95 8.50 -8.72 -27.85
N LYS A 96 8.00 -9.41 -26.82
CA LYS A 96 6.90 -8.90 -26.00
C LYS A 96 6.79 -9.78 -24.75
N ILE A 97 6.35 -9.21 -23.64
CA ILE A 97 6.08 -9.99 -22.44
C ILE A 97 4.66 -9.64 -21.99
N THR A 98 3.82 -10.63 -21.82
CA THR A 98 2.44 -10.38 -21.51
C THR A 98 2.17 -10.76 -20.09
N PHE A 99 1.58 -9.84 -19.31
CA PHE A 99 1.17 -10.11 -17.91
C PHE A 99 -0.38 -10.25 -17.84
N GLU A 100 -0.89 -11.45 -17.65
CA GLU A 100 -2.37 -11.65 -17.46
C GLU A 100 -2.72 -11.71 -15.99
N THR A 101 -3.90 -11.18 -15.60
CA THR A 101 -4.40 -11.28 -14.19
C THR A 101 -5.91 -11.63 -14.09
N LYS A 102 -6.22 -12.80 -13.57
CA LYS A 102 -7.62 -13.24 -13.39
C LYS A 102 -7.93 -13.38 -11.89
N LEU A 103 -9.08 -12.83 -11.49
CA LEU A 103 -9.51 -12.88 -10.10
C LEU A 103 -10.72 -13.77 -9.95
N VAL A 104 -10.61 -14.75 -9.03
CA VAL A 104 -11.75 -15.57 -8.60
C VAL A 104 -11.85 -15.57 -7.08
N GLU A 105 -12.93 -16.18 -6.55
CA GLU A 105 -13.22 -16.14 -5.13
C GLU A 105 -12.18 -16.83 -4.25
N GLY A 106 -11.99 -16.25 -3.08
CA GLY A 106 -11.01 -16.68 -2.11
C GLY A 106 -11.67 -16.92 -0.76
N PRO A 107 -10.96 -17.62 0.15
CA PRO A 107 -11.48 -17.91 1.48
C PRO A 107 -11.80 -16.64 2.29
N ASN A 108 -12.76 -16.79 3.19
CA ASN A 108 -13.23 -15.69 4.06
C ASN A 108 -13.51 -14.37 3.32
N GLY A 109 -14.27 -14.45 2.22
CA GLY A 109 -14.65 -13.23 1.46
C GLY A 109 -13.57 -12.61 0.61
N GLY A 110 -12.50 -13.36 0.36
CA GLY A 110 -11.37 -12.89 -0.39
C GLY A 110 -11.42 -13.25 -1.87
N SER A 111 -10.23 -13.33 -2.46
CA SER A 111 -10.06 -13.68 -3.85
C SER A 111 -8.68 -14.32 -4.04
N ILE A 112 -8.55 -15.10 -5.09
CA ILE A 112 -7.25 -15.53 -5.54
C ILE A 112 -6.97 -14.90 -6.91
N GLY A 113 -5.80 -14.27 -7.01
CA GLY A 113 -5.26 -13.75 -8.28
C GLY A 113 -4.55 -14.90 -8.97
N LYS A 114 -5.05 -15.29 -10.14
CA LYS A 114 -4.28 -16.16 -11.02
C LYS A 114 -3.54 -15.34 -12.11
N LEU A 115 -2.21 -15.28 -11.99
CA LEU A 115 -1.38 -14.49 -12.88
C LEU A 115 -0.73 -15.37 -13.93
N THR A 116 -0.46 -14.78 -15.09
CA THR A 116 0.11 -15.54 -16.20
C THR A 116 1.11 -14.69 -16.91
N LEU A 117 2.27 -15.26 -17.15
CA LEU A 117 3.36 -14.54 -17.77
C LEU A 117 3.61 -15.25 -19.10
N LYS A 118 3.44 -14.52 -20.21
CA LYS A 118 3.66 -15.07 -21.56
C LYS A 118 4.81 -14.30 -22.17
N TYR A 119 5.90 -15.00 -22.43
CA TYR A 119 7.14 -14.38 -22.87
C TYR A 119 7.31 -14.75 -24.37
N HIS A 120 7.30 -13.74 -25.21
CA HIS A 120 7.49 -13.95 -26.65
C HIS A 120 8.90 -13.58 -27.05
N THR A 121 9.64 -14.56 -27.58
CA THR A 121 11.07 -14.36 -27.89
C THR A 121 11.35 -14.34 -29.38
N LYS A 122 12.29 -13.49 -29.78
CA LYS A 122 12.79 -13.48 -31.16
C LYS A 122 13.52 -14.82 -31.43
N GLY A 123 13.30 -15.37 -32.61
CA GLY A 123 13.93 -16.62 -33.01
C GLY A 123 13.63 -17.77 -32.05
N ASP A 124 14.67 -18.49 -31.67
CA ASP A 124 14.50 -19.58 -30.74
C ASP A 124 15.35 -19.34 -29.49
N ALA A 125 15.49 -18.08 -29.13
CA ALA A 125 16.12 -17.73 -27.86
C ALA A 125 15.09 -18.01 -26.78
N LYS A 126 15.57 -18.30 -25.57
CA LYS A 126 14.65 -18.60 -24.44
C LYS A 126 14.82 -17.51 -23.41
N PRO A 127 13.76 -17.22 -22.64
CA PRO A 127 13.93 -16.25 -21.54
C PRO A 127 15.02 -16.75 -20.60
N ASP A 128 15.98 -15.91 -20.19
CA ASP A 128 16.95 -16.33 -19.13
C ASP A 128 16.34 -16.25 -17.74
N GLU A 129 16.94 -17.05 -16.86
CA GLU A 129 16.46 -17.20 -15.48
C GLU A 129 16.26 -15.87 -14.80
N GLU A 130 17.19 -14.93 -14.99
CA GLU A 130 17.05 -13.60 -14.35
C GLU A 130 15.88 -12.78 -14.91
N GLU A 131 15.57 -12.95 -16.19
CA GLU A 131 14.46 -12.24 -16.81
C GLU A 131 13.13 -12.69 -16.21
N LEU A 132 12.97 -13.99 -16.12
CA LEU A 132 11.81 -14.60 -15.51
C LEU A 132 11.61 -14.28 -14.06
N LYS A 133 12.70 -14.24 -13.30
CA LYS A 133 12.58 -13.88 -11.89
C LYS A 133 12.02 -12.47 -11.78
N LYS A 134 12.48 -11.56 -12.62
CA LYS A 134 12.01 -10.17 -12.57
C LYS A 134 10.54 -10.11 -12.97
N GLY A 135 10.19 -10.86 -14.02
CA GLY A 135 8.84 -10.93 -14.51
C GLY A 135 7.81 -11.37 -13.48
N LYS A 136 8.11 -12.41 -12.71
CA LYS A 136 7.20 -12.88 -11.69
C LYS A 136 7.09 -11.84 -10.56
N ALA A 137 8.21 -11.23 -10.20
CA ALA A 137 8.21 -10.14 -9.22
C ALA A 137 7.41 -8.86 -9.69
N LYS A 138 7.46 -8.50 -10.96
CA LYS A 138 6.58 -7.41 -11.46
C LYS A 138 5.10 -7.79 -11.34
N GLY A 139 4.81 -9.10 -11.53
CA GLY A 139 3.48 -9.68 -11.48
C GLY A 139 2.86 -9.67 -10.11
N GLU A 140 3.54 -10.26 -9.13
CA GLU A 140 3.10 -10.20 -7.75
C GLU A 140 3.11 -8.76 -7.22
N GLY A 141 4.12 -8.00 -7.62
CA GLY A 141 4.34 -6.66 -7.09
C GLY A 141 3.17 -5.73 -7.36
N LEU A 142 2.68 -5.76 -8.58
CA LEU A 142 1.55 -4.95 -8.96
C LEU A 142 0.32 -5.37 -8.15
N PHE A 143 0.10 -6.68 -8.08
CA PHE A 143 -1.07 -7.24 -7.43
C PHE A 143 -1.02 -6.80 -6.00
N ARG A 144 0.16 -6.94 -5.42
CA ARG A 144 0.41 -6.51 -4.05
C ARG A 144 0.25 -5.05 -3.86
N ALA A 145 0.69 -4.25 -4.81
CA ALA A 145 0.56 -2.80 -4.69
C ALA A 145 -0.96 -2.36 -4.75
N ILE A 146 -1.66 -2.83 -5.80
CA ILE A 146 -3.07 -2.54 -5.98
C ILE A 146 -3.82 -2.97 -4.74
N GLU A 147 -3.47 -4.17 -4.29
CA GLU A 147 -4.03 -4.78 -3.09
C GLU A 147 -3.82 -3.95 -1.84
N GLY A 148 -2.60 -3.49 -1.61
CA GLY A 148 -2.31 -2.54 -0.54
C GLY A 148 -3.11 -1.22 -0.62
N TYR A 149 -3.32 -0.74 -1.82
CA TYR A 149 -4.12 0.45 -1.98
C TYR A 149 -5.57 0.26 -1.44
N VAL A 150 -6.22 -0.83 -1.84
CA VAL A 150 -7.61 -1.11 -1.46
C VAL A 150 -7.74 -1.31 0.03
N LEU A 151 -6.79 -2.00 0.65
CA LEU A 151 -6.86 -2.25 2.09
C LEU A 151 -6.69 -0.94 2.89
N ALA A 152 -5.88 -0.04 2.33
CA ALA A 152 -5.67 1.26 2.94
C ALA A 152 -6.83 2.23 2.63
N ASN A 153 -7.66 1.91 1.66
CA ASN A 153 -8.74 2.81 1.23
C ASN A 153 -10.10 2.09 1.08
N PRO A 154 -10.68 1.62 2.22
CA PRO A 154 -12.02 1.00 2.26
C PRO A 154 -13.12 1.77 1.52
N THR A 155 -13.32 3.01 1.93
CA THR A 155 -14.43 3.90 1.46
C THR A 155 -14.60 4.11 -0.06
N GLN A 156 -13.69 3.63 -0.91
CA GLN A 156 -13.81 3.98 -2.34
C GLN A 156 -13.78 2.91 -3.45
N TYR A 157 -13.76 1.63 -3.12
CA TYR A 157 -13.85 0.60 -4.20
C TYR A 157 -15.00 -0.40 -4.02
N GLY B 2 -9.74 9.01 33.68
CA GLY B 2 -9.60 7.55 33.86
C GLY B 2 -8.92 6.96 32.64
N VAL B 3 -8.08 5.94 32.83
CA VAL B 3 -7.38 5.40 31.70
C VAL B 3 -7.88 4.01 31.41
N PHE B 4 -8.00 3.70 30.11
CA PHE B 4 -8.42 2.41 29.64
C PHE B 4 -7.44 2.02 28.57
N THR B 5 -6.84 0.84 28.69
CA THR B 5 -5.80 0.40 27.75
C THR B 5 -6.19 -0.89 27.08
N PHE B 6 -5.79 -1.03 25.82
CA PHE B 6 -6.15 -2.17 24.99
C PHE B 6 -4.90 -2.56 24.17
N GLU B 7 -4.73 -3.84 23.93
CA GLU B 7 -3.55 -4.33 23.21
C GLU B 7 -3.95 -5.30 22.14
N ASP B 8 -3.26 -5.16 21.02
CA ASP B 8 -3.58 -5.88 19.84
C ASP B 8 -2.18 -6.32 19.28
N GLU B 9 -2.20 -7.24 18.33
CA GLU B 9 -0.98 -7.71 17.71
C GLU B 9 -1.32 -7.86 16.27
N ILE B 10 -0.28 -7.76 15.44
CA ILE B 10 -0.39 -7.96 14.02
C ILE B 10 1.02 -8.24 13.42
N THR B 11 1.04 -9.14 12.43
CA THR B 11 2.24 -9.74 11.92
C THR B 11 2.55 -9.10 10.59
N SER B 12 3.82 -9.17 10.22
CA SER B 12 4.26 -8.73 8.93
C SER B 12 5.49 -9.56 8.55
N THR B 13 5.65 -9.77 7.25
CA THR B 13 6.84 -10.36 6.66
C THR B 13 7.99 -9.30 6.45
N VAL B 14 7.80 -8.06 6.89
CA VAL B 14 8.85 -7.04 6.86
C VAL B 14 9.71 -7.04 8.16
N PRO B 15 11.07 -6.96 8.03
CA PRO B 15 11.86 -6.91 9.27
C PRO B 15 11.55 -5.66 10.03
N PRO B 16 11.66 -5.71 11.36
CA PRO B 16 11.35 -4.54 12.14
C PRO B 16 12.16 -3.28 11.85
N ALA B 17 13.45 -3.44 11.52
CA ALA B 17 14.31 -2.27 11.20
C ALA B 17 13.65 -1.44 10.07
N LYS B 18 13.42 -2.06 8.91
CA LYS B 18 12.69 -1.41 7.80
C LYS B 18 11.30 -0.87 8.13
N LEU B 19 10.42 -1.72 8.66
CA LEU B 19 9.15 -1.20 9.11
C LEU B 19 9.25 0.05 10.00
N TYR B 20 10.23 0.09 10.90
CA TYR B 20 10.36 1.20 11.82
C TYR B 20 10.80 2.52 11.16
N ASN B 21 11.76 2.43 10.25
CA ASN B 21 12.16 3.60 9.50
C ASN B 21 10.95 4.14 8.71
N ALA B 22 10.24 3.27 8.02
CA ALA B 22 8.97 3.68 7.36
C ALA B 22 7.89 4.36 8.27
N MET B 23 7.77 3.86 9.49
CA MET B 23 6.85 4.45 10.44
C MET B 23 7.20 5.86 10.81
N LYS B 24 8.48 6.11 11.00
CA LYS B 24 8.98 7.46 11.28
C LYS B 24 8.72 8.46 10.17
N ASP B 25 8.49 7.98 8.95
CA ASP B 25 8.25 8.79 7.80
C ASP B 25 6.73 8.83 7.43
N ALA B 26 5.89 8.53 8.41
CA ALA B 26 4.45 8.46 8.26
C ALA B 26 3.83 9.74 7.75
N ASP B 27 4.35 10.86 8.18
CA ASP B 27 3.86 12.16 7.66
C ASP B 27 3.97 12.27 6.15
N SER B 28 5.08 11.79 5.62
CA SER B 28 5.30 11.79 4.20
C SER B 28 4.47 10.70 3.46
N ILE B 29 4.47 9.49 3.99
CA ILE B 29 3.84 8.36 3.36
C ILE B 29 2.30 8.44 3.30
N THR B 30 1.66 8.76 4.41
CA THR B 30 0.22 8.65 4.47
C THR B 30 -0.58 9.51 3.49
N PRO B 31 -0.13 10.74 3.22
CA PRO B 31 -0.80 11.56 2.20
C PRO B 31 -0.67 10.99 0.80
N LYS B 32 0.43 10.33 0.53
CA LYS B 32 0.55 9.61 -0.73
C LYS B 32 -0.35 8.39 -0.88
N ILE B 33 -0.52 7.59 0.17
CA ILE B 33 -1.26 6.32 0.06
C ILE B 33 -2.71 6.28 0.52
N ILE B 34 -3.12 7.15 1.43
CA ILE B 34 -4.51 7.19 1.84
C ILE B 34 -5.14 8.37 1.13
N ASP B 35 -6.05 8.08 0.20
CA ASP B 35 -6.80 9.15 -0.46
C ASP B 35 -7.34 10.17 0.59
N ASP B 36 -8.00 9.69 1.63
CA ASP B 36 -8.59 10.59 2.63
C ASP B 36 -7.62 11.51 3.43
N VAL B 37 -6.30 11.25 3.38
CA VAL B 37 -5.36 12.10 4.06
C VAL B 37 -4.80 13.13 3.14
N LYS B 38 -5.11 14.42 3.36
CA LYS B 38 -4.61 15.50 2.48
C LYS B 38 -3.29 16.16 2.87
N SER B 39 -3.03 16.31 4.15
CA SER B 39 -1.82 17.00 4.60
C SER B 39 -1.50 16.66 6.05
N VAL B 40 -0.18 16.60 6.32
CA VAL B 40 0.37 16.52 7.68
C VAL B 40 1.43 17.60 7.81
N GLU B 41 1.25 18.49 8.80
CA GLU B 41 2.16 19.63 9.01
C GLU B 41 2.49 19.91 10.46
N ILE B 42 3.73 20.29 10.75
CA ILE B 42 4.18 20.59 12.12
C ILE B 42 3.71 21.98 12.53
N VAL B 43 3.07 22.05 13.68
CA VAL B 43 2.66 23.32 14.27
C VAL B 43 3.73 23.85 15.23
N GLU B 44 4.27 22.98 16.06
CA GLU B 44 5.24 23.32 17.09
C GLU B 44 6.11 22.09 17.38
N GLY B 45 7.34 22.32 17.83
CA GLY B 45 8.32 21.24 18.06
C GLY B 45 9.14 20.94 16.82
N ASN B 46 10.09 19.99 16.94
CA ASN B 46 11.03 19.63 15.82
C ASN B 46 10.68 18.37 15.01
N GLY B 47 9.60 17.66 15.40
CA GLY B 47 9.27 16.33 14.85
C GLY B 47 9.44 15.27 15.93
N GLY B 48 10.31 15.59 16.91
CA GLY B 48 10.64 14.67 18.00
C GLY B 48 9.56 14.73 19.05
N PRO B 49 9.66 13.85 20.08
CA PRO B 49 8.63 13.80 21.11
C PRO B 49 8.35 15.19 21.64
N GLY B 50 7.06 15.49 21.74
CA GLY B 50 6.58 16.84 22.08
C GLY B 50 5.97 17.63 20.94
N THR B 51 6.35 17.31 19.73
CA THR B 51 5.83 17.90 18.54
C THR B 51 4.29 17.73 18.37
N ILE B 52 3.66 18.85 18.02
CA ILE B 52 2.24 18.92 17.73
C ILE B 52 2.06 19.05 16.21
N LYS B 53 1.14 18.26 15.65
CA LYS B 53 0.87 18.24 14.21
C LYS B 53 -0.63 18.41 13.92
N LYS B 54 -0.94 19.11 12.83
CA LYS B 54 -2.28 19.25 12.34
C LYS B 54 -2.43 18.46 11.05
N LEU B 55 -3.59 17.82 10.87
CA LEU B 55 -3.88 16.92 9.75
C LEU B 55 -5.19 17.28 9.11
N THR B 56 -5.21 17.35 7.80
CA THR B 56 -6.41 17.63 7.04
C THR B 56 -6.81 16.31 6.45
N ILE B 57 -8.02 15.89 6.75
CA ILE B 57 -8.57 14.59 6.43
C ILE B 57 -9.98 14.82 5.86
N VAL B 58 -10.45 13.86 5.08
CA VAL B 58 -11.85 13.80 4.71
C VAL B 58 -12.50 12.55 5.29
N GLU B 59 -13.64 12.72 5.94
CA GLU B 59 -14.42 11.62 6.45
C GLU B 59 -15.80 11.72 5.82
N ASP B 60 -16.18 10.71 5.04
CA ASP B 60 -17.45 10.70 4.28
C ASP B 60 -17.63 11.96 3.40
N GLY B 61 -16.63 12.24 2.56
CA GLY B 61 -16.70 13.39 1.65
C GLY B 61 -16.40 14.77 2.24
N GLU B 62 -16.25 14.85 3.58
CA GLU B 62 -16.17 16.15 4.28
C GLU B 62 -14.80 16.40 4.87
N THR B 63 -14.24 17.57 4.57
CA THR B 63 -13.01 18.04 5.14
C THR B 63 -13.10 18.07 6.66
N LYS B 64 -12.04 17.64 7.32
CA LYS B 64 -11.96 17.66 8.77
C LYS B 64 -10.50 17.83 9.22
N PHE B 65 -10.34 18.18 10.49
CA PHE B 65 -9.03 18.42 11.12
C PHE B 65 -8.72 17.49 12.28
N ILE B 66 -7.47 17.04 12.35
CA ILE B 66 -7.03 16.18 13.44
C ILE B 66 -5.74 16.72 14.08
N LEU B 67 -5.68 16.71 15.40
CA LEU B 67 -4.49 17.15 16.08
C LEU B 67 -3.72 16.01 16.71
N HIS B 68 -2.44 15.86 16.33
CA HIS B 68 -1.56 14.85 16.92
C HIS B 68 -0.50 15.49 17.83
N LYS B 69 -0.10 14.75 18.87
CA LYS B 69 1.09 15.03 19.67
C LYS B 69 2.06 13.80 19.66
N VAL B 70 3.32 14.02 19.26
CA VAL B 70 4.33 12.93 19.28
C VAL B 70 4.64 12.72 20.76
N GLU B 71 4.59 11.46 21.20
CA GLU B 71 4.71 11.14 22.62
C GLU B 71 6.11 10.64 22.97
N SER B 72 6.58 9.64 22.22
CA SER B 72 7.93 9.09 22.38
C SER B 72 8.35 8.33 21.12
N ILE B 73 9.66 8.14 20.98
CA ILE B 73 10.27 7.52 19.79
C ILE B 73 11.48 6.73 20.28
N ASP B 74 11.22 5.65 21.02
CA ASP B 74 12.29 4.75 21.51
C ASP B 74 12.84 4.01 20.29
N GLU B 75 13.91 4.57 19.72
CA GLU B 75 14.56 4.01 18.54
C GLU B 75 15.18 2.65 18.76
N ALA B 76 15.87 2.47 19.88
CA ALA B 76 16.52 1.18 20.16
C ALA B 76 15.51 0.04 20.28
N ASN B 77 14.28 0.35 20.70
CA ASN B 77 13.22 -0.65 20.85
C ASN B 77 12.15 -0.60 19.77
N TYR B 78 12.43 0.12 18.68
CA TYR B 78 11.54 0.21 17.55
C TYR B 78 10.08 0.66 17.94
N ALA B 79 9.98 1.79 18.64
CA ALA B 79 8.74 2.23 19.24
C ALA B 79 8.36 3.64 18.78
N TYR B 80 7.15 3.80 18.31
CA TYR B 80 6.66 5.10 17.85
C TYR B 80 5.30 5.27 18.52
N ASN B 81 5.20 6.28 19.39
CA ASN B 81 3.97 6.58 20.08
C ASN B 81 3.47 7.99 19.74
N TYR B 82 2.18 8.12 19.48
CA TYR B 82 1.57 9.44 19.31
C TYR B 82 0.17 9.39 19.84
N SER B 83 -0.41 10.57 20.00
CA SER B 83 -1.70 10.70 20.58
C SER B 83 -2.55 11.63 19.76
N VAL B 84 -3.85 11.42 19.80
CA VAL B 84 -4.80 12.36 19.20
C VAL B 84 -5.29 13.30 20.33
N VAL B 85 -5.02 14.60 20.18
CA VAL B 85 -5.35 15.63 21.18
C VAL B 85 -6.39 16.65 20.65
N GLY B 86 -6.98 16.41 19.49
CA GLY B 86 -8.02 17.30 19.02
C GLY B 86 -8.58 16.97 17.68
N GLY B 87 -9.67 17.63 17.36
CA GLY B 87 -10.41 17.40 16.12
C GLY B 87 -11.45 16.31 16.16
N VAL B 88 -11.83 15.87 14.96
CA VAL B 88 -12.96 14.98 14.75
C VAL B 88 -12.74 13.64 15.42
N ALA B 89 -11.53 13.11 15.30
CA ALA B 89 -11.15 11.85 15.93
C ALA B 89 -10.80 11.90 17.46
N LEU B 90 -11.13 12.99 18.16
CA LEU B 90 -11.16 13.01 19.62
C LEU B 90 -12.63 13.12 20.07
N PRO B 91 -13.13 12.12 20.80
CA PRO B 91 -14.52 12.21 21.24
C PRO B 91 -14.67 13.27 22.29
N PRO B 92 -15.86 13.85 22.41
CA PRO B 92 -16.15 14.94 23.37
C PRO B 92 -15.91 14.56 24.82
N THR B 93 -15.98 13.26 25.11
CA THR B 93 -15.80 12.72 26.45
C THR B 93 -14.38 12.30 26.73
N ALA B 94 -13.51 12.34 25.71
CA ALA B 94 -12.14 11.91 25.85
C ALA B 94 -11.16 13.07 25.89
N GLU B 95 -10.19 12.98 26.79
CA GLU B 95 -9.13 13.96 26.88
C GLU B 95 -8.05 13.74 25.86
N LYS B 96 -7.73 12.47 25.61
CA LYS B 96 -6.59 12.10 24.75
C LYS B 96 -6.71 10.64 24.41
N ILE B 97 -6.25 10.25 23.24
CA ILE B 97 -6.17 8.83 22.88
C ILE B 97 -4.75 8.57 22.39
N THR B 98 -4.08 7.61 23.00
CA THR B 98 -2.69 7.38 22.68
C THR B 98 -2.58 6.11 21.89
N PHE B 99 -1.90 6.15 20.74
CA PHE B 99 -1.61 4.96 19.92
C PHE B 99 -0.10 4.59 20.07
N GLU B 100 0.21 3.51 20.79
CA GLU B 100 1.63 3.01 20.84
C GLU B 100 1.85 1.93 19.80
N THR B 101 3.07 1.87 19.22
CA THR B 101 3.46 0.77 18.26
C THR B 101 4.89 0.23 18.50
N LYS B 102 4.99 -1.02 18.92
CA LYS B 102 6.30 -1.67 19.20
C LYS B 102 6.51 -2.83 18.23
N LEU B 103 7.70 -2.87 17.61
CA LEU B 103 8.04 -3.91 16.67
C LEU B 103 9.08 -4.86 17.23
N VAL B 104 8.76 -6.17 17.20
CA VAL B 104 9.74 -7.22 17.51
C VAL B 104 9.77 -8.24 16.37
N GLU B 105 10.70 -9.22 16.47
CA GLU B 105 10.90 -10.19 15.42
C GLU B 105 9.71 -11.12 15.18
N GLY B 106 9.56 -11.47 13.90
CA GLY B 106 8.46 -12.27 13.43
C GLY B 106 8.99 -13.45 12.62
N PRO B 107 8.12 -14.45 12.38
CA PRO B 107 8.49 -15.65 11.62
C PRO B 107 8.98 -15.33 10.20
N ASN B 108 9.83 -16.19 9.69
CA ASN B 108 10.42 -16.08 8.34
C ASN B 108 10.94 -14.65 8.01
N GLY B 109 11.74 -14.08 8.90
CA GLY B 109 12.36 -12.76 8.66
C GLY B 109 11.45 -11.56 8.83
N GLY B 110 10.29 -11.78 9.46
CA GLY B 110 9.28 -10.75 9.63
C GLY B 110 9.38 -10.01 10.97
N SER B 111 8.22 -9.50 11.38
CA SER B 111 8.09 -8.80 12.64
C SER B 111 6.64 -8.92 13.12
N ILE B 112 6.47 -8.74 14.40
CA ILE B 112 5.13 -8.58 14.96
C ILE B 112 5.02 -7.14 15.52
N GLY B 113 3.97 -6.46 15.11
CA GLY B 113 3.59 -5.16 15.64
C GLY B 113 2.77 -5.40 16.90
N LYS B 114 3.28 -4.95 18.05
CA LYS B 114 2.45 -4.86 19.24
C LYS B 114 1.90 -3.42 19.43
N LEU B 115 0.59 -3.26 19.24
CA LEU B 115 -0.07 -1.98 19.31
C LEU B 115 -0.78 -1.80 20.64
N THR B 116 -0.88 -0.54 21.08
CA THR B 116 -1.47 -0.27 22.39
C THR B 116 -2.29 0.97 22.28
N LEU B 117 -3.51 0.89 22.78
CA LEU B 117 -4.43 1.99 22.70
C LEU B 117 -4.71 2.41 24.14
N LYS B 118 -4.37 3.66 24.47
CA LYS B 118 -4.61 4.21 25.81
C LYS B 118 -5.60 5.34 25.65
N TYR B 119 -6.77 5.17 26.24
CA TYR B 119 -7.87 6.09 26.09
C TYR B 119 -8.01 6.86 27.42
N HIS B 120 -7.79 8.16 27.39
CA HIS B 120 -7.91 8.99 28.56
C HIS B 120 -9.21 9.76 28.54
N THR B 121 -10.07 9.53 29.53
CA THR B 121 -11.43 10.12 29.53
C THR B 121 -11.62 11.10 30.65
N LYS B 122 -12.38 12.16 30.38
CA LYS B 122 -12.74 13.13 31.40
C LYS B 122 -13.67 12.46 32.44
N GLY B 123 -13.44 12.78 33.71
CA GLY B 123 -14.24 12.24 34.80
C GLY B 123 -14.21 10.72 34.85
N ASP B 124 -15.39 10.12 34.95
CA ASP B 124 -15.49 8.68 35.01
C ASP B 124 -16.30 8.15 33.83
N ALA B 125 -16.25 8.88 32.71
CA ALA B 125 -16.86 8.39 31.47
C ALA B 125 -15.96 7.28 30.95
N LYS B 126 -16.57 6.30 30.27
CA LYS B 126 -15.82 5.15 29.71
C LYS B 126 -15.88 5.27 28.20
N PRO B 127 -14.84 4.83 27.48
CA PRO B 127 -14.94 4.82 26.01
C PRO B 127 -16.13 3.98 25.59
N ASP B 128 -16.99 4.46 24.68
CA ASP B 128 -18.05 3.60 24.10
C ASP B 128 -17.52 2.64 23.05
N GLU B 129 -18.29 1.57 22.89
CA GLU B 129 -17.96 0.46 21.99
C GLU B 129 -17.53 0.95 20.61
N GLU B 130 -18.25 1.91 20.05
CA GLU B 130 -17.91 2.42 18.71
C GLU B 130 -16.65 3.27 18.66
N GLU B 131 -16.31 3.92 19.75
CA GLU B 131 -15.06 4.67 19.86
C GLU B 131 -13.86 3.72 19.76
N LEU B 132 -13.92 2.68 20.56
CA LEU B 132 -12.94 1.62 20.55
C LEU B 132 -12.79 0.87 19.26
N LYS B 133 -13.92 0.57 18.61
CA LYS B 133 -13.83 -0.08 17.29
C LYS B 133 -13.05 0.79 16.34
N LYS B 134 -13.29 2.09 16.35
CA LYS B 134 -12.62 2.98 15.40
C LYS B 134 -11.13 3.06 15.76
N GLY B 135 -10.86 3.17 17.05
CA GLY B 135 -9.49 3.21 17.55
C GLY B 135 -8.61 2.04 17.14
N LYS B 136 -9.12 0.82 17.24
CA LYS B 136 -8.35 -0.36 16.86
C LYS B 136 -8.15 -0.38 15.35
N ALA B 137 -9.19 -0.01 14.61
CA ALA B 137 -9.08 0.12 13.14
C ALA B 137 -8.07 1.23 12.67
N LYS B 138 -7.98 2.35 13.37
CA LYS B 138 -6.95 3.37 13.09
C LYS B 138 -5.52 2.78 13.33
N GLY B 139 -5.42 1.92 14.36
CA GLY B 139 -4.20 1.26 14.78
C GLY B 139 -3.67 0.24 13.80
N GLU B 140 -4.50 -0.72 13.44
CA GLU B 140 -4.14 -1.68 12.38
C GLU B 140 -3.96 -0.98 11.04
N GLY B 141 -4.82 0.00 10.76
CA GLY B 141 -4.86 0.65 9.44
C GLY B 141 -3.54 1.31 9.09
N LEU B 142 -3.00 2.06 10.06
CA LEU B 142 -1.73 2.72 9.83
C LEU B 142 -0.62 1.67 9.61
N PHE B 143 -0.61 0.64 10.46
CA PHE B 143 0.44 -0.37 10.42
C PHE B 143 0.36 -1.03 9.07
N ARG B 144 -0.86 -1.34 8.68
CA ARG B 144 -1.13 -1.92 7.35
C ARG B 144 -0.77 -0.98 6.23
N ALA B 145 -1.01 0.30 6.38
CA ALA B 145 -0.67 1.24 5.31
C ALA B 145 0.88 1.37 5.16
N ILE B 146 1.57 1.65 6.28
CA ILE B 146 3.01 1.76 6.29
C ILE B 146 3.62 0.51 5.71
N GLU B 147 3.04 -0.62 6.15
CA GLU B 147 3.44 -1.92 5.70
C GLU B 147 3.27 -2.15 4.22
N GLY B 148 2.11 -1.79 3.65
CA GLY B 148 1.92 -1.80 2.20
C GLY B 148 2.91 -0.90 1.45
N TYR B 149 3.27 0.21 2.02
CA TYR B 149 4.24 1.07 1.38
C TYR B 149 5.61 0.34 1.18
N VAL B 150 6.13 -0.25 2.26
CA VAL B 150 7.42 -0.94 2.24
C VAL B 150 7.43 -2.11 1.27
N LEU B 151 6.36 -2.87 1.26
CA LEU B 151 6.28 -4.04 0.35
C LEU B 151 6.26 -3.61 -1.13
N ALA B 152 5.63 -2.47 -1.37
CA ALA B 152 5.57 -1.90 -2.70
C ALA B 152 6.87 -1.17 -3.07
N ASN B 153 7.72 -0.87 -2.10
CA ASN B 153 8.94 -0.10 -2.34
C ASN B 153 10.18 -0.72 -1.66
N PRO B 154 10.62 -1.90 -2.15
CA PRO B 154 11.84 -2.59 -1.68
C PRO B 154 13.09 -1.69 -1.59
N THR B 155 13.45 -1.09 -2.71
CA THR B 155 14.70 -0.31 -2.91
C THR B 155 15.00 0.83 -1.92
N GLN B 156 14.10 1.19 -0.99
CA GLN B 156 14.36 2.39 -0.17
C GLN B 156 14.23 2.36 1.36
N TYR B 157 14.00 1.21 1.98
CA TYR B 157 13.99 1.18 3.46
C TYR B 157 14.97 0.17 4.07
NA NA C . 5.77 8.01 -7.73
OAB 28E D . 5.88 -2.89 -7.90
CAT 28E D . 5.97 -2.27 -9.12
CAK 28E D . 7.16 -1.62 -9.51
CAY 28E D . 7.24 -1.00 -10.75
OAG 28E D . 8.40 -0.37 -11.09
CBD 28E D . 6.15 -1.02 -11.61
CAP 28E D . 6.21 -0.34 -12.97
CAN 28E D . 4.88 -2.30 -9.99
CBC 28E D . 4.97 -1.67 -11.23
OAR 28E D . 3.88 -1.71 -12.06
CBF 28E D . 3.73 -0.63 -12.96
CBE 28E D . 5.00 -0.66 -13.83
OAQ 28E D . 5.20 -1.93 -14.43
CBA 28E D . 2.46 -0.64 -13.74
CAO 28E D . 1.81 0.57 -13.96
CAV 28E D . 0.62 0.64 -14.67
OAD 28E D . 0.00 1.83 -14.87
CAU 28E D . 0.04 -0.50 -15.19
OAC 28E D . -1.13 -0.39 -15.88
CAI 28E D . 0.67 -1.74 -14.98
CAJ 28E D . 1.87 -1.81 -14.26
NA NA E . -4.14 11.83 -0.06
OAB 28E F . -5.44 4.12 7.63
CAT 28E F . -5.43 5.42 8.07
CAK 28E F . -6.52 6.27 7.84
CAY 28E F . -6.48 7.59 8.30
OAG 28E F . -7.55 8.41 8.07
CBD 28E F . -5.36 8.05 8.99
CAP 28E F . -5.29 9.48 9.50
CAN 28E F . -4.32 5.89 8.75
CBC 28E F . -4.28 7.20 9.20
OAR 28E F . -3.17 7.61 9.86
CBF 28E F . -2.86 8.99 9.82
CBE 28E F . -4.10 9.68 10.42
OAQ 28E F . -4.42 9.14 11.70
CBA 28E F . -1.55 9.29 10.47
CAO 28E F . -0.72 10.23 9.88
CAV 28E F . 0.53 10.54 10.43
OAD 28E F . 1.32 11.47 9.86
CAU 28E F . 0.96 9.90 11.58
OAC 28E F . 2.17 10.20 12.12
CAI 28E F . 0.13 8.94 12.18
CAJ 28E F . -1.11 8.63 11.62
#